data_2ORO
#
_entry.id   2ORO
#
_cell.length_a   63.378
_cell.length_b   73.329
_cell.length_c   93.866
_cell.angle_alpha   90.00
_cell.angle_beta   90.00
_cell.angle_gamma   90.00
#
_symmetry.space_group_name_H-M   'P 21 21 21'
#
loop_
_entity.id
_entity.type
_entity.pdbx_description
1 polymer 'nitric oxide synthase, inducible'
2 non-polymer 'SULFITE ION'
3 non-polymer 'PROTOPORPHYRIN IX CONTAINING FE'
4 non-polymer N-[2-(1,3-BENZODIOXOL-5-YL)ETHYL]-1-[2-(1H-IMIDAZOL-1-YL)-6-METHYLPYRIMIDIN-4-YL]-D-PROLINAMIDE
5 water water
#
_entity_poly.entity_id   1
_entity_poly.type   'polypeptide(L)'
_entity_poly.pdbx_seq_one_letter_code
;MNPKSLTRGPRDKPTPLEELLPHAIEFINQYYGSFKEAKIEEHLARLEAVTKEIETTGTYQLTLDELIFATKMAWRNAPR
CIGRIQWSNLQVFDARNCSTAQEMFQHICRHILYATNNGNIRSAITVFPQRSDGKHDFRLWNSQLIRYAGYQMPDGTIRG
DAATLEFTQLCIDLGWKPRYGRFDVLPLVLQADGQDPEVFEIPPDLVLEVTMEHPKYEWFQELGLKWYALPAVANMLLEV
GGLEFPACPFNGWYMGTEIGVRDFCDTQRYNILEEVGRRMGLETHTLASLWKDRAVTEINVAVLHSFQKQNVTIMDHHTA
SESFMKHMQNEYRARGGCPADWIWLVPPVSGSITPVFHQEMLNYVLSPFYYYQIEPWKTHIWQNEHHHH
;
_entity_poly.pdbx_strand_id   A
#
# COMPACT_ATOMS: atom_id res chain seq x y z
N MET A 1 17.50 -2.47 25.25
CA MET A 1 16.47 -1.85 24.44
C MET A 1 15.16 -2.63 24.47
N ASN A 2 14.06 -1.93 24.20
CA ASN A 2 12.74 -2.54 24.16
C ASN A 2 11.96 -2.12 22.92
N PRO A 3 12.56 -2.28 21.73
CA PRO A 3 11.84 -1.92 20.51
C PRO A 3 10.61 -2.80 20.36
N LYS A 4 9.59 -2.31 19.67
CA LYS A 4 8.45 -3.13 19.35
C LYS A 4 8.71 -3.85 18.02
N SER A 5 7.96 -4.93 17.78
CA SER A 5 7.98 -5.60 16.49
C SER A 5 7.30 -4.73 15.44
N LEU A 6 7.88 -4.71 14.24
CA LEU A 6 7.31 -3.95 13.13
C LEU A 6 6.36 -4.79 12.29
N THR A 7 6.15 -6.03 12.71
CA THR A 7 5.28 -6.97 12.01
C THR A 7 4.03 -7.24 12.83
N ARG A 8 2.89 -7.33 12.15
CA ARG A 8 1.63 -7.72 12.80
C ARG A 8 1.06 -8.90 12.04
N GLY A 9 0.99 -10.05 12.70
CA GLY A 9 0.64 -11.29 12.02
C GLY A 9 -0.85 -11.55 11.90
N PRO A 10 -1.23 -12.75 11.44
CA PRO A 10 -2.62 -13.18 11.28
C PRO A 10 -3.29 -13.57 12.59
N ARG A 11 -4.62 -13.69 12.54
CA ARG A 11 -5.40 -14.20 13.66
C ARG A 11 -6.32 -15.30 13.16
N ASP A 12 -7.02 -15.97 14.08
CA ASP A 12 -8.08 -16.90 13.71
C ASP A 12 -9.30 -16.70 14.61
N LYS A 13 -9.22 -15.71 15.50
CA LYS A 13 -10.39 -15.28 16.26
C LYS A 13 -10.44 -13.75 16.30
N PRO A 14 -11.65 -13.19 16.45
CA PRO A 14 -11.76 -11.74 16.61
C PRO A 14 -10.86 -11.24 17.72
N THR A 15 -10.52 -9.95 17.68
CA THR A 15 -9.79 -9.35 18.79
C THR A 15 -10.71 -9.31 20.00
N PRO A 16 -10.27 -9.85 21.14
CA PRO A 16 -11.10 -9.87 22.35
C PRO A 16 -11.50 -8.46 22.76
N LEU A 17 -12.76 -8.30 23.15
CA LEU A 17 -13.31 -6.97 23.45
C LEU A 17 -12.50 -6.24 24.51
N GLU A 18 -11.87 -6.98 25.42
CA GLU A 18 -11.11 -6.36 26.50
C GLU A 18 -9.82 -5.75 25.98
N GLU A 19 -9.41 -6.15 24.78
CA GLU A 19 -8.25 -5.55 24.13
C GLU A 19 -8.70 -4.43 23.19
N LEU A 20 -9.77 -4.67 22.46
CA LEU A 20 -10.25 -3.75 21.43
C LEU A 20 -10.72 -2.42 22.01
N LEU A 21 -11.56 -2.50 23.05
CA LEU A 21 -12.19 -1.32 23.63
C LEU A 21 -11.19 -0.24 24.02
N PRO A 22 -10.18 -0.59 24.84
CA PRO A 22 -9.20 0.41 25.27
C PRO A 22 -8.47 1.08 24.11
N HIS A 23 -8.16 0.29 23.07
CA HIS A 23 -7.49 0.82 21.89
C HIS A 23 -8.43 1.73 21.10
N ALA A 24 -9.68 1.30 20.92
CA ALA A 24 -10.68 2.09 20.23
C ALA A 24 -10.89 3.42 20.94
N ILE A 25 -11.06 3.38 22.26
CA ILE A 25 -11.25 4.60 23.03
C ILE A 25 -10.06 5.56 22.88
N GLU A 26 -8.86 5.01 22.93
CA GLU A 26 -7.68 5.85 22.79
C GLU A 26 -7.60 6.53 21.42
N PHE A 27 -8.00 5.83 20.36
CA PHE A 27 -7.97 6.42 19.02
C PHE A 27 -9.01 7.52 18.88
N ILE A 28 -10.22 7.25 19.39
CA ILE A 28 -11.29 8.24 19.42
C ILE A 28 -10.80 9.50 20.13
N ASN A 29 -10.03 9.33 21.20
CA ASN A 29 -9.49 10.49 21.92
C ASN A 29 -8.47 11.23 21.09
N GLN A 30 -7.61 10.48 20.41
CA GLN A 30 -6.60 11.07 19.55
C GLN A 30 -7.29 11.88 18.45
N TYR A 31 -8.34 11.29 17.88
CA TYR A 31 -9.04 11.92 16.77
C TYR A 31 -9.73 13.22 17.19
N TYR A 32 -10.50 13.19 18.27
CA TYR A 32 -11.18 14.40 18.73
C TYR A 32 -10.25 15.40 19.38
N GLY A 33 -9.08 14.92 19.83
CA GLY A 33 -8.06 15.81 20.32
C GLY A 33 -7.44 16.65 19.22
N SER A 34 -7.83 16.39 17.98
CA SER A 34 -7.36 17.17 16.84
C SER A 34 -8.11 18.49 16.72
N PHE A 35 -8.72 18.94 17.82
CA PHE A 35 -9.43 20.21 17.85
C PHE A 35 -9.02 21.01 19.09
N LYS A 36 -8.59 20.30 20.13
CA LYS A 36 -7.88 20.90 21.25
C LYS A 36 -8.79 21.66 22.22
N GLU A 37 -10.07 21.76 21.88
CA GLU A 37 -11.03 22.46 22.73
C GLU A 37 -12.45 22.36 22.19
N ALA A 38 -12.57 22.06 20.90
CA ALA A 38 -13.88 21.96 20.26
C ALA A 38 -14.40 20.53 20.29
N LYS A 39 -15.72 20.39 20.43
CA LYS A 39 -16.39 19.10 20.26
C LYS A 39 -16.16 18.13 21.41
N ILE A 40 -16.54 18.53 22.62
CA ILE A 40 -16.45 17.66 23.79
C ILE A 40 -17.69 16.77 23.87
N GLU A 41 -18.82 17.32 23.46
CA GLU A 41 -20.08 16.58 23.47
C GLU A 41 -20.13 15.57 22.32
N GLU A 42 -19.44 15.91 21.23
CA GLU A 42 -19.35 14.99 20.10
C GLU A 42 -18.41 13.84 20.45
N HIS A 43 -17.30 14.18 21.09
CA HIS A 43 -16.34 13.19 21.57
C HIS A 43 -17.04 12.13 22.42
N LEU A 44 -17.71 12.57 23.48
CA LEU A 44 -18.38 11.66 24.40
C LEU A 44 -19.48 10.86 23.71
N ALA A 45 -20.18 11.52 22.79
CA ALA A 45 -21.23 10.85 22.03
C ALA A 45 -20.62 9.69 21.23
N ARG A 46 -19.48 9.92 20.60
CA ARG A 46 -18.84 8.90 19.78
C ARG A 46 -18.23 7.79 20.63
N LEU A 47 -17.66 8.14 21.79
CA LEU A 47 -17.14 7.13 22.72
C LEU A 47 -18.23 6.14 23.12
N GLU A 48 -19.43 6.66 23.40
CA GLU A 48 -20.52 5.83 23.88
C GLU A 48 -21.05 4.92 22.78
N ALA A 49 -21.16 5.46 21.57
CA ALA A 49 -21.63 4.71 20.41
C ALA A 49 -20.66 3.60 19.99
N VAL A 50 -19.36 3.90 20.01
CA VAL A 50 -18.35 2.91 19.66
C VAL A 50 -18.34 1.76 20.66
N THR A 51 -18.43 2.10 21.95
CA THR A 51 -18.40 1.11 23.02
C THR A 51 -19.62 0.21 22.96
N LYS A 52 -20.74 0.79 22.57
CA LYS A 52 -21.98 0.03 22.44
C LYS A 52 -21.91 -0.84 21.20
N GLU A 53 -21.33 -0.32 20.13
CA GLU A 53 -21.18 -1.07 18.89
C GLU A 53 -20.24 -2.26 19.08
N ILE A 54 -19.15 -2.05 19.80
CA ILE A 54 -18.21 -3.14 20.08
C ILE A 54 -18.89 -4.21 20.93
N GLU A 55 -19.57 -3.78 21.99
CA GLU A 55 -20.17 -4.74 22.93
C GLU A 55 -21.34 -5.49 22.33
N THR A 56 -21.92 -4.96 21.25
CA THR A 56 -23.06 -5.61 20.61
C THR A 56 -22.70 -6.37 19.32
N THR A 57 -21.65 -5.95 18.63
CA THR A 57 -21.23 -6.64 17.39
C THR A 57 -19.87 -7.31 17.51
N GLY A 58 -19.13 -6.96 18.56
CA GLY A 58 -17.78 -7.50 18.72
C GLY A 58 -16.72 -6.67 18.02
N THR A 59 -17.14 -5.67 17.25
CA THR A 59 -16.20 -4.79 16.56
C THR A 59 -16.85 -3.41 16.34
N TYR A 60 -16.19 -2.53 15.59
CA TYR A 60 -16.81 -1.28 15.21
C TYR A 60 -16.29 -0.72 13.89
N GLN A 61 -17.04 0.21 13.32
CA GLN A 61 -16.67 0.83 12.06
C GLN A 61 -16.23 2.27 12.25
N LEU A 62 -15.17 2.65 11.56
CA LEU A 62 -14.69 4.04 11.57
C LEU A 62 -15.59 4.85 10.65
N THR A 63 -15.82 6.11 11.00
CA THR A 63 -16.44 7.04 10.05
C THR A 63 -15.44 7.29 8.93
N LEU A 64 -15.89 7.88 7.83
CA LEU A 64 -15.00 8.18 6.71
C LEU A 64 -13.90 9.12 7.17
N ASP A 65 -14.27 10.12 7.98
CA ASP A 65 -13.32 11.15 8.42
C ASP A 65 -12.28 10.57 9.37
N GLU A 66 -12.70 9.60 10.19
CA GLU A 66 -11.78 8.91 11.10
C GLU A 66 -10.80 8.04 10.32
N LEU A 67 -11.30 7.38 9.27
CA LEU A 67 -10.42 6.57 8.43
C LEU A 67 -9.37 7.43 7.74
N ILE A 68 -9.81 8.52 7.11
CA ILE A 68 -8.90 9.45 6.45
C ILE A 68 -7.87 9.98 7.44
N PHE A 69 -8.32 10.34 8.63
CA PHE A 69 -7.42 10.79 9.69
C PHE A 69 -6.39 9.71 10.02
N ALA A 70 -6.85 8.47 10.11
CA ALA A 70 -5.97 7.37 10.51
C ALA A 70 -4.89 7.04 9.47
N THR A 71 -5.20 7.14 8.19
CA THR A 71 -4.21 6.82 7.16
C THR A 71 -3.14 7.90 7.08
N LYS A 72 -3.52 9.14 7.35
CA LYS A 72 -2.57 10.25 7.34
C LYS A 72 -1.67 10.22 8.56
N MET A 73 -2.25 9.90 9.70
CA MET A 73 -1.50 9.80 10.94
C MET A 73 -0.56 8.60 10.91
N ALA A 74 -1.02 7.48 10.37
CA ALA A 74 -0.15 6.32 10.20
C ALA A 74 1.03 6.71 9.32
N TRP A 75 0.79 7.55 8.32
CA TRP A 75 1.83 7.98 7.39
C TRP A 75 2.88 8.83 8.12
N ARG A 76 2.43 9.82 8.89
CA ARG A 76 3.42 10.64 9.58
C ARG A 76 4.07 9.89 10.73
N ASN A 77 3.52 8.73 11.10
CA ASN A 77 4.16 7.87 12.09
C ASN A 77 5.12 6.86 11.48
N ALA A 78 5.35 6.98 10.18
CA ALA A 78 6.28 6.11 9.47
C ALA A 78 7.69 6.68 9.53
N PRO A 79 8.51 6.18 10.45
CA PRO A 79 9.82 6.78 10.70
C PRO A 79 10.69 6.92 9.45
N ARG A 80 10.71 5.90 8.61
CA ARG A 80 11.57 5.88 7.44
C ARG A 80 11.06 6.71 6.25
N CYS A 81 9.79 7.10 6.25
CA CYS A 81 9.23 7.74 5.07
C CYS A 81 9.55 9.22 4.96
N ILE A 82 10.29 9.58 3.92
CA ILE A 82 10.68 10.96 3.71
C ILE A 82 9.51 11.82 3.24
N GLY A 83 8.53 11.19 2.60
CA GLY A 83 7.40 11.95 2.08
C GLY A 83 6.39 12.37 3.14
N ARG A 84 6.52 11.83 4.34
CA ARG A 84 5.52 12.03 5.39
C ARG A 84 5.53 13.47 5.87
N ILE A 85 6.50 14.24 5.40
CA ILE A 85 6.62 15.65 5.78
C ILE A 85 5.45 16.43 5.19
N GLN A 86 4.94 15.97 4.05
CA GLN A 86 3.76 16.57 3.47
C GLN A 86 2.59 15.59 3.47
N TRP A 87 2.21 15.18 4.68
CA TRP A 87 1.31 14.05 4.90
C TRP A 87 -0.17 14.35 4.68
N SER A 88 -0.52 15.63 4.52
CA SER A 88 -1.91 15.98 4.29
C SER A 88 -2.27 15.75 2.82
N ASN A 89 -1.25 15.67 1.97
CA ASN A 89 -1.43 15.38 0.55
C ASN A 89 -1.61 13.87 0.32
N LEU A 90 -2.74 13.32 0.76
CA LEU A 90 -3.04 11.90 0.52
C LEU A 90 -4.51 11.76 0.12
N GLN A 91 -4.75 11.07 -0.99
CA GLN A 91 -6.12 10.77 -1.40
C GLN A 91 -6.50 9.37 -0.89
N VAL A 92 -7.64 9.28 -0.22
CA VAL A 92 -8.09 8.01 0.34
C VAL A 92 -9.23 7.42 -0.50
N PHE A 93 -9.11 6.14 -0.85
CA PHE A 93 -10.21 5.43 -1.52
C PHE A 93 -10.78 4.39 -0.60
N ASP A 94 -12.06 4.55 -0.26
CA ASP A 94 -12.71 3.69 0.70
C ASP A 94 -13.28 2.47 -0.03
N ALA A 95 -12.62 1.32 0.14
CA ALA A 95 -13.11 0.09 -0.46
C ALA A 95 -13.54 -0.92 0.61
N ARG A 96 -14.01 -0.40 1.73
CA ARG A 96 -14.35 -1.26 2.87
C ARG A 96 -15.60 -2.11 2.65
N ASN A 97 -16.38 -1.77 1.62
CA ASN A 97 -17.54 -2.57 1.26
C ASN A 97 -17.19 -3.54 0.13
N CYS A 98 -15.91 -3.76 -0.11
CA CYS A 98 -15.47 -4.70 -1.14
C CYS A 98 -15.74 -6.14 -0.69
N SER A 99 -16.17 -7.00 -1.61
CA SER A 99 -16.46 -8.38 -1.25
C SER A 99 -15.76 -9.44 -2.09
N THR A 100 -15.35 -9.10 -3.31
CA THR A 100 -14.74 -10.10 -4.19
C THR A 100 -13.40 -9.64 -4.77
N ALA A 101 -12.66 -10.60 -5.30
CA ALA A 101 -11.36 -10.31 -5.88
C ALA A 101 -11.51 -9.49 -7.17
N GLN A 102 -12.56 -9.79 -7.93
CA GLN A 102 -12.88 -9.01 -9.13
C GLN A 102 -13.06 -7.55 -8.77
N GLU A 103 -13.81 -7.30 -7.69
CA GLU A 103 -14.01 -5.94 -7.18
C GLU A 103 -12.71 -5.33 -6.69
N MET A 104 -11.90 -6.11 -5.98
CA MET A 104 -10.57 -5.65 -5.57
C MET A 104 -9.79 -5.17 -6.79
N PHE A 105 -9.83 -5.96 -7.86
CA PHE A 105 -9.08 -5.64 -9.07
C PHE A 105 -9.51 -4.28 -9.63
N GLN A 106 -10.82 -4.03 -9.66
CA GLN A 106 -11.31 -2.77 -10.20
C GLN A 106 -10.91 -1.58 -9.33
N HIS A 107 -10.94 -1.77 -8.02
CA HIS A 107 -10.48 -0.73 -7.10
C HIS A 107 -9.01 -0.41 -7.35
N ILE A 108 -8.21 -1.45 -7.57
CA ILE A 108 -6.78 -1.26 -7.76
C ILE A 108 -6.49 -0.56 -9.08
N CYS A 109 -7.22 -0.92 -10.12
CA CYS A 109 -7.11 -0.23 -11.41
C CYS A 109 -7.41 1.27 -11.28
N ARG A 110 -8.42 1.60 -10.49
CA ARG A 110 -8.77 3.00 -10.28
C ARG A 110 -7.66 3.76 -9.56
N HIS A 111 -7.04 3.11 -8.58
CA HIS A 111 -5.92 3.65 -7.83
C HIS A 111 -4.74 3.95 -8.75
N ILE A 112 -4.33 2.94 -9.51
CA ILE A 112 -3.19 3.10 -10.40
C ILE A 112 -3.48 4.25 -11.36
N LEU A 113 -4.68 4.29 -11.90
CA LEU A 113 -5.14 5.37 -12.78
C LEU A 113 -4.95 6.75 -12.17
N TYR A 114 -5.60 6.98 -11.03
CA TYR A 114 -5.58 8.27 -10.35
C TYR A 114 -4.17 8.64 -9.92
N ALA A 115 -3.44 7.66 -9.39
CA ALA A 115 -2.14 7.92 -8.80
C ALA A 115 -1.12 8.25 -9.87
N THR A 116 -1.19 7.55 -10.99
CA THR A 116 -0.23 7.75 -12.08
C THR A 116 -0.44 9.11 -12.73
N ASN A 117 -1.68 9.42 -13.08
CA ASN A 117 -2.03 10.73 -13.62
C ASN A 117 -1.06 11.15 -14.71
N ASN A 118 -0.75 10.22 -15.61
CA ASN A 118 0.06 10.51 -16.78
C ASN A 118 1.47 10.99 -16.41
N GLY A 119 1.90 10.66 -15.21
CA GLY A 119 3.24 11.05 -14.79
C GLY A 119 3.23 12.09 -13.68
N ASN A 120 2.16 12.88 -13.60
CA ASN A 120 2.02 13.87 -12.56
C ASN A 120 1.51 13.15 -11.31
N ILE A 121 2.39 12.39 -10.67
CA ILE A 121 2.00 11.42 -9.65
C ILE A 121 1.22 12.07 -8.51
N ARG A 122 0.21 11.36 -8.05
CA ARG A 122 -0.52 11.73 -6.84
C ARG A 122 -0.46 10.60 -5.81
N SER A 123 -0.35 10.97 -4.53
CA SER A 123 -0.32 10.00 -3.45
C SER A 123 -1.74 9.55 -3.13
N ALA A 124 -1.93 8.25 -3.00
CA ALA A 124 -3.24 7.71 -2.72
C ALA A 124 -3.12 6.44 -1.90
N ILE A 125 -4.16 6.12 -1.14
CA ILE A 125 -4.24 4.83 -0.48
C ILE A 125 -5.63 4.27 -0.71
N THR A 126 -5.72 2.96 -0.90
CA THR A 126 -7.02 2.31 -1.03
C THR A 126 -7.22 1.36 0.14
N VAL A 127 -8.27 1.58 0.93
CA VAL A 127 -8.51 0.79 2.12
C VAL A 127 -9.62 -0.25 1.91
N PHE A 128 -9.23 -1.52 1.95
CA PHE A 128 -10.17 -2.63 1.83
C PHE A 128 -10.72 -3.04 3.21
N PRO A 129 -11.63 -4.02 3.28
CA PRO A 129 -12.30 -4.30 4.56
C PRO A 129 -11.35 -4.69 5.68
N GLN A 130 -11.67 -4.28 6.89
CA GLN A 130 -10.88 -4.61 8.05
C GLN A 130 -10.99 -6.09 8.37
N ARG A 131 -9.95 -6.64 8.97
CA ARG A 131 -9.97 -7.98 9.53
C ARG A 131 -11.16 -8.14 10.47
N SER A 132 -11.92 -9.23 10.27
CA SER A 132 -12.97 -9.62 11.22
C SER A 132 -12.47 -10.73 12.15
N ASP A 133 -12.59 -11.99 11.76
CA ASP A 133 -12.10 -13.07 12.59
C ASP A 133 -10.69 -13.53 12.21
N GLY A 134 -10.18 -12.99 11.10
CA GLY A 134 -8.85 -13.38 10.66
C GLY A 134 -8.87 -14.50 9.65
N LYS A 135 -10.04 -15.08 9.41
CA LYS A 135 -10.20 -16.11 8.40
C LYS A 135 -10.81 -15.58 7.11
N HIS A 136 -11.15 -14.30 7.10
CA HIS A 136 -11.69 -13.69 5.90
C HIS A 136 -10.86 -12.50 5.44
N ASP A 137 -9.56 -12.54 5.72
CA ASP A 137 -8.66 -11.46 5.33
C ASP A 137 -8.72 -11.13 3.84
N PHE A 138 -8.72 -9.83 3.55
CA PHE A 138 -8.34 -9.35 2.24
C PHE A 138 -6.84 -9.08 2.23
N ARG A 139 -6.16 -9.53 1.18
CA ARG A 139 -4.71 -9.38 1.07
C ARG A 139 -4.32 -9.20 -0.40
N LEU A 140 -3.29 -8.38 -0.64
CA LEU A 140 -2.57 -8.44 -1.89
C LEU A 140 -1.28 -9.23 -1.63
N TRP A 141 -1.03 -10.25 -2.45
CA TRP A 141 0.15 -11.07 -2.27
C TRP A 141 1.39 -10.42 -2.87
N ASN A 142 1.16 -9.48 -3.77
CA ASN A 142 2.23 -8.61 -4.30
C ASN A 142 2.88 -7.82 -3.16
N SER A 143 4.15 -7.47 -3.34
CA SER A 143 4.81 -6.54 -2.43
C SER A 143 4.60 -5.11 -2.93
N GLN A 144 4.57 -4.95 -4.25
CA GLN A 144 4.23 -3.67 -4.89
C GLN A 144 3.12 -3.90 -5.91
N LEU A 145 2.36 -2.86 -6.23
CA LEU A 145 1.32 -2.97 -7.25
C LEU A 145 1.99 -3.20 -8.61
N ILE A 146 3.00 -2.38 -8.91
CA ILE A 146 3.82 -2.57 -10.11
C ILE A 146 5.21 -3.11 -9.71
N ARG A 147 5.56 -4.29 -10.19
CA ARG A 147 6.92 -4.77 -10.04
C ARG A 147 7.25 -5.81 -11.11
N TYR A 148 8.50 -5.86 -11.53
CA TYR A 148 8.93 -6.80 -12.57
C TYR A 148 9.13 -8.22 -12.04
N ALA A 149 8.94 -9.19 -12.94
CA ALA A 149 9.14 -10.59 -12.60
C ALA A 149 10.63 -10.89 -12.49
N GLY A 150 10.96 -11.95 -11.74
CA GLY A 150 12.34 -12.38 -11.64
C GLY A 150 12.48 -13.85 -11.99
N TYR A 151 13.38 -14.14 -12.93
CA TYR A 151 13.59 -15.51 -13.37
C TYR A 151 15.03 -15.94 -13.10
N GLN A 152 15.20 -17.15 -12.57
CA GLN A 152 16.53 -17.73 -12.46
C GLN A 152 16.82 -18.57 -13.70
N MET A 153 17.85 -18.18 -14.44
CA MET A 153 18.18 -18.85 -15.69
C MET A 153 18.73 -20.25 -15.42
N PRO A 154 18.63 -21.14 -16.42
CA PRO A 154 19.20 -22.49 -16.30
C PRO A 154 20.72 -22.45 -16.08
N ASP A 155 21.22 -21.28 -15.74
CA ASP A 155 22.63 -21.08 -15.46
C ASP A 155 22.82 -20.79 -13.97
N GLY A 156 21.71 -20.52 -13.29
CA GLY A 156 21.77 -20.02 -11.94
C GLY A 156 21.76 -18.50 -11.96
N THR A 157 21.53 -17.95 -13.15
CA THR A 157 21.53 -16.51 -13.37
C THR A 157 20.18 -15.90 -12.97
N ILE A 158 20.15 -14.58 -12.79
CA ILE A 158 18.93 -13.87 -12.45
C ILE A 158 18.47 -12.89 -13.53
N ARG A 159 17.34 -13.19 -14.16
CA ARG A 159 16.79 -12.32 -15.21
C ARG A 159 15.52 -11.61 -14.73
N GLY A 160 15.60 -10.29 -14.64
CA GLY A 160 14.49 -9.51 -14.12
C GLY A 160 14.78 -8.93 -12.74
N ASP A 161 13.78 -8.95 -11.86
CA ASP A 161 13.96 -8.47 -10.49
C ASP A 161 14.45 -9.61 -9.61
N ALA A 162 15.68 -9.47 -9.10
CA ALA A 162 16.30 -10.52 -8.31
C ALA A 162 15.58 -10.69 -6.97
N ALA A 163 14.67 -9.78 -6.67
CA ALA A 163 14.01 -9.75 -5.37
C ALA A 163 12.63 -10.40 -5.41
N THR A 164 12.18 -10.78 -6.60
CA THR A 164 10.83 -11.31 -6.77
C THR A 164 10.82 -12.76 -7.24
N LEU A 165 12.01 -13.37 -7.29
CA LEU A 165 12.14 -14.74 -7.79
C LEU A 165 11.12 -15.71 -7.21
N GLU A 166 10.86 -15.57 -5.91
CA GLU A 166 9.92 -16.47 -5.23
C GLU A 166 8.47 -16.16 -5.61
N PHE A 167 8.13 -14.87 -5.68
CA PHE A 167 6.76 -14.49 -6.05
C PHE A 167 6.46 -14.81 -7.50
N THR A 168 7.44 -14.62 -8.38
CA THR A 168 7.26 -14.91 -9.80
C THR A 168 6.92 -16.39 -10.00
N GLN A 169 7.63 -17.26 -9.29
CA GLN A 169 7.41 -18.69 -9.38
C GLN A 169 6.00 -19.03 -8.89
N LEU A 170 5.56 -18.31 -7.85
CA LEU A 170 4.24 -18.54 -7.30
C LEU A 170 3.15 -18.15 -8.30
N CYS A 171 3.43 -17.13 -9.11
CA CYS A 171 2.49 -16.73 -10.15
C CYS A 171 2.39 -17.82 -11.21
N ILE A 172 3.54 -18.33 -11.64
CA ILE A 172 3.60 -19.44 -12.58
C ILE A 172 2.82 -20.62 -12.01
N ASP A 173 3.06 -20.93 -10.73
CA ASP A 173 2.36 -22.03 -10.07
C ASP A 173 0.86 -21.80 -10.02
N LEU A 174 0.45 -20.55 -10.19
CA LEU A 174 -0.98 -20.20 -10.13
C LEU A 174 -1.61 -20.07 -11.51
N GLY A 175 -0.79 -20.19 -12.55
CA GLY A 175 -1.33 -20.24 -13.90
C GLY A 175 -0.84 -19.10 -14.77
N TRP A 176 -0.08 -18.18 -14.20
CA TRP A 176 0.43 -17.05 -14.95
C TRP A 176 1.47 -17.54 -15.95
N LYS A 177 1.23 -17.29 -17.23
CA LYS A 177 2.16 -17.70 -18.28
C LYS A 177 3.39 -16.82 -18.29
N PRO A 178 4.55 -17.42 -17.97
CA PRO A 178 5.84 -16.71 -17.93
C PRO A 178 6.38 -16.37 -19.31
N ARG A 179 6.31 -15.09 -19.67
CA ARG A 179 7.22 -14.54 -20.66
C ARG A 179 8.56 -14.57 -19.95
N TYR A 180 9.66 -14.28 -20.64
CA TYR A 180 10.95 -14.37 -19.96
C TYR A 180 11.84 -13.15 -20.16
N GLY A 181 11.22 -11.98 -20.23
CA GLY A 181 11.99 -10.76 -20.38
C GLY A 181 12.57 -10.32 -19.05
N ARG A 182 13.24 -9.17 -19.05
CA ARG A 182 13.77 -8.60 -17.82
C ARG A 182 12.85 -7.48 -17.32
N PHE A 183 11.80 -7.20 -18.08
CA PHE A 183 10.85 -6.15 -17.73
C PHE A 183 9.40 -6.62 -17.81
N ASP A 184 9.15 -7.86 -17.40
CA ASP A 184 7.79 -8.39 -17.35
C ASP A 184 7.08 -7.90 -16.08
N VAL A 185 5.90 -7.30 -16.25
CA VAL A 185 5.15 -6.79 -15.12
C VAL A 185 4.33 -7.92 -14.49
N LEU A 186 4.56 -8.15 -13.22
CA LEU A 186 3.86 -9.22 -12.51
C LEU A 186 2.36 -8.95 -12.47
N PRO A 187 1.56 -10.03 -12.47
CA PRO A 187 0.12 -9.90 -12.33
C PRO A 187 -0.24 -9.49 -10.90
N LEU A 188 -1.48 -9.07 -10.69
CA LEU A 188 -1.98 -8.86 -9.33
C LEU A 188 -2.47 -10.19 -8.78
N VAL A 189 -2.02 -10.53 -7.58
CA VAL A 189 -2.43 -11.76 -6.94
C VAL A 189 -3.25 -11.38 -5.72
N LEU A 190 -4.57 -11.54 -5.84
CA LEU A 190 -5.51 -10.89 -4.96
C LEU A 190 -6.36 -11.88 -4.18
N GLN A 191 -6.35 -11.73 -2.87
CA GLN A 191 -7.15 -12.56 -1.97
C GLN A 191 -8.30 -11.73 -1.39
N ALA A 192 -9.52 -12.21 -1.56
CA ALA A 192 -10.67 -11.56 -0.95
C ALA A 192 -11.34 -12.53 0.02
N ASP A 193 -11.77 -11.99 1.15
CA ASP A 193 -12.62 -12.74 2.06
C ASP A 193 -11.97 -14.04 2.55
N GLY A 194 -10.64 -14.09 2.55
CA GLY A 194 -9.94 -15.22 3.10
C GLY A 194 -9.72 -16.39 2.15
N GLN A 195 -10.14 -16.23 0.91
CA GLN A 195 -10.10 -17.34 -0.05
C GLN A 195 -8.79 -17.37 -0.83
N ASP A 196 -8.54 -18.48 -1.53
CA ASP A 196 -7.35 -18.58 -2.37
C ASP A 196 -7.25 -17.36 -3.28
N PRO A 197 -6.03 -16.89 -3.53
CA PRO A 197 -5.80 -15.72 -4.39
C PRO A 197 -6.13 -15.99 -5.85
N GLU A 198 -6.61 -14.98 -6.56
CA GLU A 198 -6.80 -15.07 -8.00
C GLU A 198 -5.83 -14.15 -8.73
N VAL A 199 -5.44 -14.53 -9.94
CA VAL A 199 -4.44 -13.78 -10.68
C VAL A 199 -5.12 -12.82 -11.66
N PHE A 200 -4.66 -11.58 -11.69
CA PHE A 200 -5.20 -10.58 -12.61
C PHE A 200 -4.06 -9.85 -13.30
N GLU A 201 -4.00 -9.96 -14.62
CA GLU A 201 -3.06 -9.18 -15.40
C GLU A 201 -3.39 -7.70 -15.18
N ILE A 202 -2.37 -6.86 -15.12
CA ILE A 202 -2.58 -5.43 -15.08
C ILE A 202 -2.68 -4.91 -16.51
N PRO A 203 -3.82 -4.32 -16.88
CA PRO A 203 -3.97 -3.72 -18.21
C PRO A 203 -2.76 -2.81 -18.47
N PRO A 204 -2.00 -3.10 -19.52
CA PRO A 204 -0.68 -2.48 -19.77
C PRO A 204 -0.72 -0.99 -20.00
N ASP A 205 -1.85 -0.49 -20.48
CA ASP A 205 -2.03 0.94 -20.67
C ASP A 205 -2.02 1.68 -19.33
N LEU A 206 -2.20 0.94 -18.23
CA LEU A 206 -2.20 1.53 -16.90
C LEU A 206 -0.81 1.64 -16.31
N VAL A 207 0.16 0.98 -16.95
CA VAL A 207 1.53 0.97 -16.48
C VAL A 207 2.36 2.01 -17.21
N LEU A 208 2.59 3.16 -16.58
CA LEU A 208 3.47 4.17 -17.12
C LEU A 208 4.93 3.76 -16.87
N GLU A 209 5.70 3.66 -17.93
CA GLU A 209 7.12 3.33 -17.81
C GLU A 209 8.02 4.44 -18.34
N VAL A 210 9.06 4.75 -17.59
CA VAL A 210 10.10 5.69 -18.01
C VAL A 210 11.16 4.96 -18.82
N THR A 211 11.15 5.15 -20.14
CA THR A 211 12.17 4.57 -21.00
C THR A 211 13.43 5.43 -20.95
N MET A 212 14.53 4.84 -20.51
CA MET A 212 15.73 5.60 -20.20
C MET A 212 16.43 6.12 -21.47
N GLU A 213 16.66 7.44 -21.49
CA GLU A 213 17.41 8.07 -22.56
C GLU A 213 18.40 9.07 -21.97
N TYR A 217 25.23 11.02 -24.93
CA TYR A 217 25.15 9.63 -25.37
C TYR A 217 23.92 9.40 -26.24
N GLU A 218 23.76 8.17 -26.73
CA GLU A 218 22.62 7.83 -27.57
C GLU A 218 22.43 6.32 -27.71
N TRP A 219 23.52 5.58 -27.61
CA TRP A 219 23.49 4.14 -27.83
C TRP A 219 22.96 3.39 -26.61
N PHE A 220 22.90 4.07 -25.48
CA PHE A 220 22.47 3.43 -24.24
C PHE A 220 20.97 3.19 -24.17
N GLN A 221 20.21 3.91 -24.99
CA GLN A 221 18.79 3.62 -25.14
C GLN A 221 18.64 2.32 -25.91
N GLU A 222 19.67 1.97 -26.67
CA GLU A 222 19.70 0.69 -27.38
C GLU A 222 19.76 -0.46 -26.39
N LEU A 223 20.29 -0.18 -25.20
CA LEU A 223 20.29 -1.16 -24.12
C LEU A 223 18.85 -1.58 -23.80
N GLY A 224 17.92 -0.65 -23.99
CA GLY A 224 16.53 -0.92 -23.71
C GLY A 224 16.22 -0.83 -22.23
N LEU A 225 16.85 0.12 -21.55
CA LEU A 225 16.67 0.30 -20.11
C LEU A 225 15.38 1.03 -19.78
N LYS A 226 14.62 0.48 -18.83
CA LYS A 226 13.24 0.90 -18.60
C LYS A 226 12.88 0.70 -17.12
N TRP A 227 12.01 1.55 -16.59
CA TRP A 227 11.52 1.39 -15.22
C TRP A 227 10.12 1.97 -15.04
N TYR A 228 9.37 1.45 -14.07
CA TYR A 228 8.01 1.94 -13.83
C TYR A 228 8.00 3.23 -13.02
N ALA A 229 7.01 4.08 -13.28
CA ALA A 229 6.96 5.42 -12.69
C ALA A 229 6.30 5.45 -11.31
N LEU A 230 5.45 4.45 -11.02
CA LEU A 230 4.63 4.48 -9.82
C LEU A 230 5.15 3.53 -8.74
N PRO A 231 5.73 4.09 -7.67
CA PRO A 231 6.11 3.24 -6.52
C PRO A 231 4.95 3.07 -5.54
N ALA A 232 4.37 1.86 -5.50
CA ALA A 232 3.22 1.59 -4.65
C ALA A 232 3.47 0.35 -3.78
N VAL A 233 3.31 0.51 -2.48
CA VAL A 233 3.49 -0.58 -1.54
C VAL A 233 2.16 -1.30 -1.33
N ALA A 234 2.13 -2.61 -1.59
CA ALA A 234 0.89 -3.35 -1.63
C ALA A 234 0.63 -4.23 -0.41
N ASN A 235 1.62 -4.42 0.44
CA ASN A 235 1.60 -5.56 1.35
C ASN A 235 1.50 -5.26 2.85
N MET A 236 1.34 -4.00 3.22
CA MET A 236 1.34 -3.63 4.63
C MET A 236 -0.05 -3.63 5.23
N LEU A 237 -0.10 -3.58 6.56
CA LEU A 237 -1.35 -3.63 7.30
C LEU A 237 -1.47 -2.32 8.03
N LEU A 238 -2.61 -1.66 7.88
CA LEU A 238 -2.88 -0.44 8.63
C LEU A 238 -3.56 -0.78 9.95
N GLU A 239 -2.96 -0.36 11.06
CA GLU A 239 -3.59 -0.54 12.36
C GLU A 239 -4.12 0.79 12.88
N VAL A 240 -5.35 0.77 13.42
CA VAL A 240 -5.96 1.98 13.95
C VAL A 240 -7.04 1.66 14.98
N GLY A 241 -6.86 2.15 16.21
CA GLY A 241 -7.89 1.96 17.22
C GLY A 241 -8.21 0.51 17.48
N GLY A 242 -7.21 -0.36 17.36
CA GLY A 242 -7.41 -1.77 17.61
C GLY A 242 -7.89 -2.56 16.39
N LEU A 243 -8.28 -1.84 15.34
CA LEU A 243 -8.70 -2.46 14.09
C LEU A 243 -7.49 -2.70 13.19
N GLU A 244 -7.56 -3.75 12.37
CA GLU A 244 -6.48 -4.08 11.43
C GLU A 244 -7.00 -4.17 9.99
N PHE A 245 -6.30 -3.50 9.08
CA PHE A 245 -6.62 -3.53 7.65
C PHE A 245 -5.46 -4.17 6.91
N PRO A 246 -5.52 -5.50 6.65
CA PRO A 246 -4.44 -6.27 6.03
C PRO A 246 -4.25 -5.99 4.55
N ALA A 247 -5.21 -5.27 3.96
CA ALA A 247 -5.11 -4.80 2.57
C ALA A 247 -5.35 -3.30 2.49
N CYS A 248 -4.30 -2.55 2.21
CA CYS A 248 -4.37 -1.09 2.12
C CYS A 248 -3.20 -0.56 1.29
N PRO A 249 -3.19 -0.88 -0.01
CA PRO A 249 -2.11 -0.41 -0.88
C PRO A 249 -2.04 1.11 -0.91
N PHE A 250 -0.81 1.65 -0.90
CA PHE A 250 -0.60 3.09 -1.02
C PHE A 250 0.56 3.40 -1.98
N ASN A 251 0.68 4.65 -2.42
CA ASN A 251 1.82 5.05 -3.26
C ASN A 251 2.29 6.48 -2.96
N GLY A 252 3.52 6.76 -3.36
CA GLY A 252 4.00 8.12 -3.44
C GLY A 252 4.63 8.30 -4.80
N TRP A 253 5.70 9.08 -4.86
CA TRP A 253 6.56 9.09 -6.04
C TRP A 253 7.99 8.78 -5.59
N TYR A 254 8.86 8.49 -6.55
CA TYR A 254 10.23 8.13 -6.22
C TYR A 254 11.04 9.30 -5.65
N MET A 255 12.00 8.98 -4.78
CA MET A 255 12.93 9.97 -4.25
C MET A 255 14.04 10.24 -5.27
N GLY A 256 14.75 9.19 -5.65
CA GLY A 256 15.89 9.34 -6.53
C GLY A 256 17.21 9.29 -5.79
N ASN A 271 23.75 -5.81 -12.64
CA ASN A 271 25.14 -5.62 -12.23
C ASN A 271 26.10 -5.73 -13.41
N ILE A 272 25.56 -5.94 -14.60
CA ILE A 272 26.34 -5.87 -15.83
C ILE A 272 26.37 -4.42 -16.32
N LEU A 273 27.11 -3.58 -15.60
CA LEU A 273 27.13 -2.15 -15.87
C LEU A 273 27.51 -1.88 -17.32
N GLU A 274 28.66 -2.41 -17.73
CA GLU A 274 29.03 -2.40 -19.14
C GLU A 274 29.12 -0.98 -19.68
N GLU A 298 28.56 5.43 -14.81
CA GLU A 298 27.73 5.10 -13.66
C GLU A 298 26.86 6.30 -13.28
N ILE A 299 26.99 7.40 -14.03
CA ILE A 299 26.20 8.59 -13.77
C ILE A 299 24.71 8.30 -13.89
N ASN A 300 23.94 8.84 -12.94
CA ASN A 300 22.50 8.66 -12.94
C ASN A 300 21.81 9.66 -13.86
N VAL A 301 22.60 10.28 -14.74
CA VAL A 301 22.09 11.28 -15.67
C VAL A 301 20.99 10.71 -16.57
N ALA A 302 21.10 9.43 -16.90
CA ALA A 302 20.13 8.78 -17.77
C ALA A 302 18.76 8.74 -17.10
N VAL A 303 18.75 8.35 -15.83
CA VAL A 303 17.51 8.25 -15.05
C VAL A 303 16.97 9.64 -14.72
N LEU A 304 17.86 10.52 -14.27
CA LEU A 304 17.47 11.89 -13.94
C LEU A 304 16.87 12.57 -15.16
N HIS A 305 17.50 12.37 -16.31
CA HIS A 305 17.04 12.98 -17.55
C HIS A 305 15.74 12.34 -18.04
N SER A 306 15.63 11.04 -17.90
CA SER A 306 14.47 10.30 -18.41
C SER A 306 13.20 10.60 -17.63
N PHE A 307 13.28 10.57 -16.30
CA PHE A 307 12.12 10.87 -15.45
C PHE A 307 11.66 12.31 -15.63
N GLN A 308 12.58 13.26 -15.41
CA GLN A 308 12.27 14.67 -15.48
C GLN A 308 11.84 15.10 -16.89
N LYS A 309 12.44 14.50 -17.90
CA LYS A 309 12.13 14.86 -19.28
C LYS A 309 10.77 14.30 -19.70
N GLN A 310 10.42 13.15 -19.14
CA GLN A 310 9.15 12.50 -19.48
C GLN A 310 8.03 12.95 -18.54
N ASN A 311 8.33 13.96 -17.72
CA ASN A 311 7.33 14.61 -16.88
C ASN A 311 6.76 13.68 -15.82
N VAL A 312 7.59 12.77 -15.35
CA VAL A 312 7.20 11.91 -14.23
C VAL A 312 7.74 12.48 -12.94
N THR A 313 6.84 12.81 -12.01
CA THR A 313 7.22 13.40 -10.74
C THR A 313 8.26 12.57 -9.98
N ILE A 314 9.27 13.24 -9.44
CA ILE A 314 10.16 12.64 -8.44
C ILE A 314 10.42 13.67 -7.34
N MET A 315 11.05 13.26 -6.25
CA MET A 315 11.25 14.18 -5.13
C MET A 315 12.56 14.97 -5.28
N ASP A 316 12.58 15.85 -6.28
CA ASP A 316 13.63 16.85 -6.44
C ASP A 316 13.25 18.11 -5.66
N HIS A 317 14.10 19.14 -5.73
CA HIS A 317 13.87 20.35 -4.94
C HIS A 317 12.59 21.06 -5.34
N HIS A 318 12.27 21.04 -6.63
CA HIS A 318 11.03 21.63 -7.12
C HIS A 318 9.84 20.94 -6.45
N THR A 319 9.80 19.61 -6.53
CA THR A 319 8.67 18.84 -6.02
C THR A 319 8.58 18.95 -4.51
N ALA A 320 9.74 18.97 -3.85
CA ALA A 320 9.78 19.09 -2.39
C ALA A 320 9.17 20.40 -1.92
N SER A 321 9.52 21.50 -2.59
CA SER A 321 8.96 22.80 -2.20
C SER A 321 7.49 22.89 -2.62
N GLU A 322 7.20 22.49 -3.85
CA GLU A 322 5.82 22.49 -4.34
C GLU A 322 4.91 21.64 -3.45
N SER A 323 5.36 20.45 -3.06
CA SER A 323 4.51 19.54 -2.30
C SER A 323 4.36 19.98 -0.84
N PHE A 324 5.43 20.52 -0.28
CA PHE A 324 5.35 21.04 1.09
C PHE A 324 4.45 22.27 1.13
N MET A 325 4.54 23.10 0.09
CA MET A 325 3.68 24.27 -0.02
C MET A 325 2.20 23.85 -0.05
N LYS A 326 1.85 22.91 -0.93
CA LYS A 326 0.49 22.38 -0.97
C LYS A 326 0.11 21.85 0.40
N HIS A 327 1.03 21.11 1.02
CA HIS A 327 0.77 20.57 2.36
C HIS A 327 0.41 21.68 3.34
N MET A 328 1.24 22.72 3.38
CA MET A 328 1.07 23.78 4.37
C MET A 328 -0.20 24.58 4.09
N GLN A 329 -0.54 24.72 2.81
CA GLN A 329 -1.77 25.37 2.42
C GLN A 329 -3.01 24.60 2.88
N ASN A 330 -2.90 23.28 2.99
CA ASN A 330 -4.01 22.46 3.44
C ASN A 330 -4.47 22.82 4.86
N GLU A 331 -3.57 23.44 5.63
CA GLU A 331 -3.96 24.01 6.91
C GLU A 331 -4.68 25.34 6.68
N TYR A 332 -6.00 25.27 6.50
CA TYR A 332 -6.79 26.46 6.19
C TYR A 332 -6.96 27.33 7.43
N VAL A 365 4.01 2.47 22.07
CA VAL A 365 3.52 1.96 20.79
C VAL A 365 2.86 3.08 19.98
N LEU A 366 3.30 3.23 18.73
CA LEU A 366 2.68 4.20 17.82
C LEU A 366 1.40 3.65 17.20
N SER A 367 0.40 4.51 17.06
CA SER A 367 -0.88 4.14 16.48
C SER A 367 -1.62 5.43 16.11
N PRO A 368 -2.21 5.48 14.90
CA PRO A 368 -2.19 4.43 13.87
C PRO A 368 -0.79 4.17 13.31
N PHE A 369 -0.63 3.03 12.65
CA PHE A 369 0.67 2.58 12.18
C PHE A 369 0.51 1.62 11.02
N TYR A 370 1.45 1.67 10.08
CA TYR A 370 1.53 0.68 9.01
C TYR A 370 2.53 -0.42 9.39
N TYR A 371 2.03 -1.62 9.60
CA TYR A 371 2.87 -2.76 9.95
C TYR A 371 3.30 -3.57 8.73
N TYR A 372 4.44 -4.23 8.84
CA TYR A 372 4.77 -5.29 7.91
C TYR A 372 3.94 -6.53 8.26
N GLN A 373 3.84 -7.46 7.31
CA GLN A 373 3.09 -8.68 7.52
C GLN A 373 3.96 -9.87 7.16
N ILE A 374 3.49 -11.08 7.48
CA ILE A 374 4.16 -12.28 7.01
C ILE A 374 3.67 -12.60 5.59
N GLU A 375 4.61 -12.82 4.67
CA GLU A 375 4.25 -13.21 3.31
C GLU A 375 3.16 -14.27 3.33
N PRO A 376 2.02 -13.99 2.67
CA PRO A 376 0.79 -14.76 2.84
C PRO A 376 0.82 -16.20 2.30
N TRP A 377 1.73 -16.50 1.38
CA TRP A 377 1.84 -17.87 0.89
C TRP A 377 2.53 -18.79 1.92
N LYS A 378 3.09 -18.20 2.97
CA LYS A 378 3.65 -19.00 4.06
C LYS A 378 2.61 -19.36 5.12
N THR A 379 1.51 -18.60 5.16
CA THR A 379 0.51 -18.79 6.21
C THR A 379 -0.83 -19.26 5.68
N HIS A 380 -1.05 -19.09 4.38
CA HIS A 380 -2.35 -19.40 3.78
C HIS A 380 -2.65 -20.90 3.73
N ILE A 381 -3.85 -21.26 4.16
CA ILE A 381 -4.33 -22.63 4.04
C ILE A 381 -5.15 -22.78 2.76
N TRP A 382 -4.58 -23.44 1.77
CA TRP A 382 -5.20 -23.56 0.46
C TRP A 382 -6.51 -24.35 0.48
N GLN A 383 -7.57 -23.75 -0.05
CA GLN A 383 -8.88 -24.39 -0.10
C GLN A 383 -8.84 -25.56 -1.08
N ASN A 384 -8.48 -25.27 -2.32
CA ASN A 384 -8.35 -26.28 -3.36
C ASN A 384 -7.20 -25.94 -4.29
N GLU A 385 -5.98 -26.28 -3.88
CA GLU A 385 -4.80 -26.12 -4.71
C GLU A 385 -5.07 -26.60 -6.13
#